data_2AH6
#
_entry.id   2AH6
#
_cell.length_a   53.610
_cell.length_b   84.380
_cell.length_c   113.480
_cell.angle_alpha   90.000
_cell.angle_beta   90.000
_cell.angle_gamma   90.000
#
_symmetry.space_group_name_H-M   'P 21 21 21'
#
loop_
_entity.id
_entity.type
_entity.pdbx_description
1 polymer 'BH1595, unknown conserved protein'
2 non-polymer 'NITRATE ION'
3 non-polymer 1,2-ETHANEDIOL
4 water water
#
_entity_poly.entity_id   1
_entity_poly.type   'polypeptide(L)'
_entity_poly.pdbx_seq_one_letter_code
;(MSE)GSDKIHHHHHH(MSE)RLYTRTGDKGKTSVIGGRLAKDDTRVVAYGTTDELNSFVGSAITQLDENTFADIRGELF
KIQHELFDCGGDLA(MSE)LKVKEDRPYKAKQEIVDFLEQRIDAYIKEAPELERFILPGGSEAAASLHVCRTIARRAERY
VVRLQQEGEINPIVLKYLNRLSDYFFAVARVVNSRLQVPDVEYERSAIVFREGKRKEDKK
;
_entity_poly.pdbx_strand_id   A,B,C
#
# COMPACT_ATOMS: atom_id res chain seq x y z
N ASP A 36 -14.21 -14.71 -5.68
CA ASP A 36 -14.27 -13.25 -5.89
C ASP A 36 -13.07 -12.75 -6.71
N THR A 37 -12.46 -13.62 -7.52
CA THR A 37 -11.20 -13.24 -8.20
C THR A 37 -11.39 -11.99 -9.06
N ARG A 38 -12.52 -11.89 -9.76
CA ARG A 38 -12.74 -10.79 -10.68
C ARG A 38 -12.80 -9.47 -9.91
N VAL A 39 -13.55 -9.49 -8.82
CA VAL A 39 -13.74 -8.30 -8.01
C VAL A 39 -12.41 -7.92 -7.38
N VAL A 40 -11.65 -8.90 -6.97
CA VAL A 40 -10.32 -8.59 -6.43
C VAL A 40 -9.41 -7.98 -7.50
N ALA A 41 -9.45 -8.50 -8.73
CA ALA A 41 -8.61 -7.99 -9.80
C ALA A 41 -8.93 -6.54 -10.10
N TYR A 42 -10.23 -6.24 -10.28
CA TYR A 42 -10.52 -4.83 -10.58
C TYR A 42 -10.40 -3.93 -9.35
N GLY A 43 -10.52 -4.47 -8.13
CA GLY A 43 -10.27 -3.62 -6.97
C GLY A 43 -8.80 -3.30 -6.89
N THR A 44 -7.96 -4.27 -7.30
CA THR A 44 -6.52 -4.06 -7.22
C THR A 44 -6.00 -3.13 -8.31
N THR A 45 -6.63 -3.14 -9.51
CA THR A 45 -6.31 -2.14 -10.51
C THR A 45 -6.67 -0.74 -10.01
N ASP A 46 -7.77 -0.66 -9.27
CA ASP A 46 -8.21 0.62 -8.70
C ASP A 46 -7.22 1.07 -7.63
N GLU A 47 -6.77 0.14 -6.79
CA GLU A 47 -5.76 0.43 -5.77
C GLU A 47 -4.48 0.97 -6.43
N LEU A 48 -4.02 0.29 -7.48
CA LEU A 48 -2.86 0.78 -8.21
C LEU A 48 -3.10 2.20 -8.71
N ASN A 49 -4.25 2.42 -9.35
CA ASN A 49 -4.64 3.75 -9.83
C ASN A 49 -4.49 4.82 -8.73
N SER A 50 -4.92 4.49 -7.52
CA SER A 50 -4.79 5.42 -6.37
CA SER A 50 -4.80 5.44 -6.41
C SER A 50 -3.33 5.69 -6.04
N PHE A 51 -2.49 4.65 -6.03
CA PHE A 51 -1.07 4.89 -5.86
C PHE A 51 -0.41 5.70 -6.96
N VAL A 52 -0.87 5.54 -8.19
CA VAL A 52 -0.41 6.40 -9.27
C VAL A 52 -0.76 7.87 -8.97
N GLY A 53 -1.96 8.06 -8.43
CA GLY A 53 -2.43 9.41 -8.10
C GLY A 53 -1.49 10.03 -7.08
N SER A 54 -1.07 9.25 -6.08
CA SER A 54 -0.12 9.76 -5.07
C SER A 54 1.26 10.05 -5.70
N ALA A 55 1.73 9.20 -6.57
CA ALA A 55 3.08 9.41 -7.21
C ALA A 55 3.05 10.69 -8.01
N ILE A 56 1.96 10.95 -8.75
CA ILE A 56 1.91 12.19 -9.55
C ILE A 56 2.20 13.41 -8.67
N THR A 57 1.63 13.45 -7.46
CA THR A 57 1.80 14.60 -6.61
C THR A 57 3.23 14.79 -6.12
N GLN A 58 4.10 13.79 -6.30
CA GLN A 58 5.50 13.90 -5.89
C GLN A 58 6.39 14.56 -6.95
N LEU A 59 5.82 14.77 -8.14
CA LEU A 59 6.59 15.15 -9.32
C LEU A 59 6.39 16.63 -9.70
N ASP A 60 7.50 17.38 -9.70
CA ASP A 60 7.50 18.76 -10.12
C ASP A 60 6.95 18.92 -11.53
N GLU A 61 6.07 19.90 -11.71
CA GLU A 61 5.31 20.08 -12.92
C GLU A 61 6.19 20.40 -14.13
N ASN A 62 7.30 21.07 -13.89
CA ASN A 62 8.18 21.45 -15.00
C ASN A 62 9.16 20.33 -15.34
N THR A 63 9.87 19.87 -14.27
CA THR A 63 10.88 18.85 -14.41
C THR A 63 10.34 17.60 -15.06
N PHE A 64 9.08 17.30 -14.74
CA PHE A 64 8.46 16.04 -15.10
C PHE A 64 7.14 16.20 -15.89
N ALA A 65 7.06 17.23 -16.70
CA ALA A 65 5.85 17.44 -17.51
C ALA A 65 5.55 16.22 -18.35
N ASP A 66 6.58 15.61 -18.94
CA ASP A 66 6.35 14.42 -19.80
C ASP A 66 5.75 13.28 -18.99
N ILE A 67 6.41 12.95 -17.88
CA ILE A 67 6.06 11.77 -17.11
C ILE A 67 4.71 12.02 -16.40
N ARG A 68 4.48 13.24 -15.90
CA ARG A 68 3.18 13.52 -15.31
C ARG A 68 2.06 13.32 -16.31
N GLY A 69 2.21 13.86 -17.51
CA GLY A 69 1.17 13.65 -18.54
C GLY A 69 0.91 12.16 -18.81
N GLU A 70 2.00 11.39 -18.83
CA GLU A 70 1.89 9.96 -19.09
C GLU A 70 1.19 9.30 -17.95
N LEU A 71 1.46 9.73 -16.74
CA LEU A 71 0.83 9.08 -15.60
C LEU A 71 -0.70 9.37 -15.57
N PHE A 72 -1.10 10.61 -15.90
CA PHE A 72 -2.53 10.92 -16.02
C PHE A 72 -3.19 10.04 -17.09
N LYS A 73 -2.50 9.85 -18.22
CA LYS A 73 -2.96 8.94 -19.29
C LYS A 73 -3.14 7.53 -18.75
N ILE A 74 -2.15 7.03 -18.03
CA ILE A 74 -2.18 5.69 -17.47
C ILE A 74 -3.40 5.56 -16.52
N GLN A 75 -3.72 6.61 -15.76
CA GLN A 75 -4.86 6.50 -14.88
C GLN A 75 -6.15 6.30 -15.65
N HIS A 76 -6.31 7.00 -16.80
CA HIS A 76 -7.47 6.75 -17.65
C HIS A 76 -7.47 5.29 -18.14
N GLU A 77 -6.31 4.81 -18.55
CA GLU A 77 -6.19 3.45 -19.04
C GLU A 77 -6.48 2.41 -17.98
N LEU A 78 -6.06 2.67 -16.75
CA LEU A 78 -6.36 1.75 -15.64
C LEU A 78 -7.85 1.73 -15.32
N PHE A 79 -8.50 2.89 -15.46
CA PHE A 79 -9.95 2.95 -15.28
C PHE A 79 -10.59 2.07 -16.36
N ASP A 80 -10.10 2.18 -17.60
CA ASP A 80 -10.61 1.32 -18.68
C ASP A 80 -10.36 -0.16 -18.40
N CYS A 81 -9.17 -0.48 -17.92
CA CYS A 81 -8.86 -1.86 -17.60
C CYS A 81 -9.82 -2.41 -16.54
N GLY A 82 -10.11 -1.62 -15.52
CA GLY A 82 -11.02 -2.07 -14.46
C GLY A 82 -12.38 -2.41 -15.01
N GLY A 83 -12.88 -1.55 -15.89
CA GLY A 83 -14.17 -1.82 -16.57
C GLY A 83 -14.12 -3.12 -17.39
N ASP A 84 -13.01 -3.32 -18.09
CA ASP A 84 -12.85 -4.54 -18.89
C ASP A 84 -12.87 -5.77 -18.01
N LEU A 85 -12.26 -5.66 -16.83
CA LEU A 85 -12.18 -6.80 -15.91
C LEU A 85 -13.54 -7.13 -15.33
N ALA A 86 -14.37 -6.11 -15.20
CA ALA A 86 -15.67 -6.28 -14.57
C ALA A 86 -16.66 -6.88 -15.56
N LEU A 88 -18.33 -9.57 -17.81
CA LEU A 88 -18.47 -11.03 -17.66
C LEU A 88 -17.70 -11.83 -18.70
N PRO A 95 -17.69 -3.97 -26.44
CA PRO A 95 -16.28 -4.34 -26.73
C PRO A 95 -15.36 -3.87 -25.64
N TYR A 96 -14.22 -4.53 -25.51
CA TYR A 96 -13.27 -4.12 -24.48
C TYR A 96 -12.74 -2.74 -24.82
N LYS A 97 -12.47 -1.92 -23.82
CA LYS A 97 -11.93 -0.61 -24.03
C LYS A 97 -10.41 -0.57 -24.14
N ALA A 98 -9.74 -1.44 -23.39
CA ALA A 98 -8.27 -1.41 -23.39
C ALA A 98 -7.78 -2.14 -24.64
N LYS A 99 -6.97 -1.42 -25.41
CA LYS A 99 -6.55 -1.84 -26.74
C LYS A 99 -5.02 -1.89 -26.84
N GLN A 100 -4.53 -2.66 -27.83
CA GLN A 100 -3.08 -2.85 -27.97
C GLN A 100 -2.28 -1.53 -27.93
N GLU A 101 -2.83 -0.47 -28.50
CA GLU A 101 -2.08 0.79 -28.58
C GLU A 101 -1.56 1.28 -27.24
N ILE A 102 -2.26 0.99 -26.15
CA ILE A 102 -1.82 1.48 -24.86
C ILE A 102 -0.57 0.74 -24.39
N VAL A 103 -0.44 -0.53 -24.81
CA VAL A 103 0.77 -1.31 -24.48
C VAL A 103 1.94 -0.79 -25.32
N ASP A 104 1.69 -0.58 -26.60
CA ASP A 104 2.73 -0.06 -27.52
C ASP A 104 3.26 1.29 -27.04
N PHE A 105 2.35 2.13 -26.52
CA PHE A 105 2.80 3.41 -25.97
C PHE A 105 3.78 3.25 -24.82
N LEU A 106 3.45 2.41 -23.85
CA LEU A 106 4.37 2.13 -22.74
C LEU A 106 5.69 1.62 -23.26
N GLU A 107 5.65 0.68 -24.20
CA GLU A 107 6.90 0.14 -24.75
C GLU A 107 7.78 1.23 -25.35
N GLN A 108 7.20 2.14 -26.13
CA GLN A 108 7.93 3.30 -26.70
C GLN A 108 8.54 4.17 -25.60
N ARG A 109 7.80 4.43 -24.52
CA ARG A 109 8.31 5.31 -23.48
C ARG A 109 9.38 4.61 -22.70
N ILE A 110 9.16 3.32 -22.44
CA ILE A 110 10.18 2.50 -21.76
C ILE A 110 11.51 2.59 -22.48
N ASP A 111 11.47 2.47 -23.80
CA ASP A 111 12.71 2.58 -24.56
C ASP A 111 13.33 3.95 -24.42
N ALA A 112 12.51 4.99 -24.51
CA ALA A 112 12.98 6.37 -24.40
C ALA A 112 13.67 6.62 -23.05
N TYR A 113 13.05 6.12 -22.01
CA TYR A 113 13.60 6.29 -20.63
C TYR A 113 14.79 5.40 -20.32
N ILE A 114 14.82 4.16 -20.82
CA ILE A 114 16.03 3.32 -20.65
C ILE A 114 17.24 3.99 -21.31
N LYS A 115 17.04 4.63 -22.46
CA LYS A 115 18.07 5.40 -23.14
C LYS A 115 18.53 6.58 -22.28
N GLU A 116 17.57 7.27 -21.63
CA GLU A 116 17.89 8.44 -20.79
C GLU A 116 18.62 8.05 -19.51
N ALA A 117 18.24 6.94 -18.91
CA ALA A 117 18.78 6.50 -17.61
C ALA A 117 20.17 5.87 -17.73
N PRO A 118 20.96 5.90 -16.61
CA PRO A 118 22.24 5.24 -16.69
C PRO A 118 22.10 3.75 -17.04
N GLU A 119 23.11 3.25 -17.75
CA GLU A 119 23.18 1.86 -18.15
C GLU A 119 23.12 1.01 -16.89
N LEU A 120 22.07 0.18 -16.80
CA LEU A 120 21.90 -0.67 -15.63
C LEU A 120 22.71 -1.98 -15.77
N GLU A 121 23.55 -2.26 -14.79
CA GLU A 121 24.26 -3.54 -14.74
C GLU A 121 24.45 -3.95 -13.28
N ARG A 122 23.38 -3.79 -12.50
CA ARG A 122 23.43 -3.96 -11.05
C ARG A 122 21.98 -4.09 -10.60
N PHE A 123 21.74 -4.82 -9.52
CA PHE A 123 20.41 -4.89 -8.96
C PHE A 123 20.15 -3.58 -8.19
N ILE A 124 18.96 -3.04 -8.41
CA ILE A 124 18.52 -1.76 -7.85
C ILE A 124 17.41 -2.03 -6.85
N LEU A 125 17.56 -1.48 -5.65
CA LEU A 125 16.52 -1.54 -4.63
C LEU A 125 15.59 -0.32 -4.79
N PRO A 126 14.33 -0.46 -4.38
CA PRO A 126 13.39 0.59 -4.60
C PRO A 126 13.71 1.81 -3.74
N GLY A 127 13.59 2.97 -4.33
CA GLY A 127 13.68 4.23 -3.60
C GLY A 127 14.66 5.22 -4.20
N GLY A 128 15.20 6.08 -3.34
CA GLY A 128 16.09 7.20 -3.73
C GLY A 128 15.38 8.49 -3.37
N SER A 129 14.88 9.21 -4.36
CA SER A 129 14.03 10.39 -4.07
C SER A 129 12.67 9.90 -3.58
N GLU A 130 11.96 10.75 -2.85
CA GLU A 130 10.61 10.40 -2.46
C GLU A 130 9.76 10.11 -3.73
N ALA A 131 9.94 10.86 -4.81
CA ALA A 131 9.16 10.68 -6.02
C ALA A 131 9.47 9.29 -6.67
N ALA A 132 10.76 8.97 -6.77
CA ALA A 132 11.15 7.64 -7.32
C ALA A 132 10.58 6.56 -6.44
N ALA A 133 10.69 6.74 -5.12
CA ALA A 133 10.16 5.74 -4.21
C ALA A 133 8.68 5.45 -4.46
N SER A 134 7.92 6.51 -4.70
CA SER A 134 6.48 6.41 -4.92
C SER A 134 6.19 5.65 -6.20
N LEU A 135 7.04 5.79 -7.17
CA LEU A 135 6.90 5.08 -8.45
C LEU A 135 7.29 3.60 -8.31
N HIS A 136 8.30 3.28 -7.47
CA HIS A 136 8.60 1.88 -7.14
C HIS A 136 7.47 1.18 -6.42
N VAL A 137 6.74 1.92 -5.58
CA VAL A 137 5.50 1.43 -4.95
C VAL A 137 4.49 1.09 -6.05
N CYS A 138 4.31 2.00 -7.00
CA CYS A 138 3.42 1.72 -8.12
C CYS A 138 3.85 0.41 -8.85
N ARG A 139 5.16 0.24 -9.03
N ARG A 139 5.15 0.25 -9.05
CA ARG A 139 5.68 -0.96 -9.69
CA ARG A 139 5.67 -0.97 -9.68
C ARG A 139 5.24 -2.24 -8.99
C ARG A 139 5.19 -2.23 -8.98
N THR A 140 5.42 -2.28 -7.66
CA THR A 140 5.12 -3.48 -6.93
C THR A 140 3.62 -3.76 -6.83
N ILE A 141 2.83 -2.70 -6.76
CA ILE A 141 1.38 -2.84 -6.75
C ILE A 141 0.79 -3.23 -8.12
N ALA A 142 1.42 -2.77 -9.20
CA ALA A 142 1.12 -3.28 -10.53
C ALA A 142 1.35 -4.77 -10.61
N ARG A 143 2.45 -5.24 -10.00
CA ARG A 143 2.73 -6.67 -10.00
C ARG A 143 1.69 -7.49 -9.20
N ARG A 144 1.20 -6.89 -8.11
CA ARG A 144 0.13 -7.48 -7.32
C ARG A 144 -1.17 -7.57 -8.15
N ALA A 145 -1.51 -6.48 -8.83
CA ALA A 145 -2.70 -6.49 -9.75
C ALA A 145 -2.53 -7.57 -10.82
N GLU A 146 -1.33 -7.63 -11.40
CA GLU A 146 -1.01 -8.63 -12.41
C GLU A 146 -1.27 -10.05 -11.92
N ARG A 147 -0.82 -10.36 -10.70
CA ARG A 147 -0.99 -11.70 -10.14
C ARG A 147 -2.44 -12.10 -10.09
N TYR A 148 -3.31 -11.15 -9.74
CA TYR A 148 -4.73 -11.44 -9.71
C TYR A 148 -5.32 -11.59 -11.09
N VAL A 149 -4.83 -10.83 -12.06
CA VAL A 149 -5.36 -10.96 -13.42
C VAL A 149 -4.90 -12.29 -14.05
N VAL A 150 -3.69 -12.73 -13.72
CA VAL A 150 -3.24 -14.07 -14.12
C VAL A 150 -4.19 -15.17 -13.59
N ARG A 151 -4.52 -15.03 -12.30
CA ARG A 151 -5.41 -15.97 -11.62
C ARG A 151 -6.80 -15.93 -12.28
N LEU A 152 -7.30 -14.74 -12.59
CA LEU A 152 -8.56 -14.55 -13.30
C LEU A 152 -8.57 -15.18 -14.69
N GLN A 153 -7.47 -15.04 -15.42
CA GLN A 153 -7.33 -15.65 -16.74
C GLN A 153 -7.43 -17.18 -16.63
N GLN A 154 -6.98 -17.77 -15.53
CA GLN A 154 -7.11 -19.23 -15.34
CA GLN A 154 -7.10 -19.23 -15.37
C GLN A 154 -8.54 -19.65 -15.12
N GLU A 155 -9.35 -18.73 -14.63
CA GLU A 155 -10.72 -19.03 -14.24
C GLU A 155 -11.75 -18.75 -15.30
N GLY A 156 -11.49 -17.76 -16.15
CA GLY A 156 -12.44 -17.38 -17.20
C GLY A 156 -11.80 -16.43 -18.19
N GLU A 157 -12.59 -15.90 -19.12
CA GLU A 157 -12.05 -15.06 -20.20
C GLU A 157 -11.75 -13.69 -19.68
N ILE A 158 -10.62 -13.18 -20.10
CA ILE A 158 -10.27 -11.80 -19.78
C ILE A 158 -9.91 -11.13 -21.11
N ASN A 159 -9.75 -9.83 -21.03
CA ASN A 159 -9.13 -9.10 -22.11
C ASN A 159 -7.62 -9.26 -21.96
N PRO A 160 -6.97 -9.98 -22.88
CA PRO A 160 -5.54 -10.19 -22.69
C PRO A 160 -4.74 -8.91 -22.67
N ILE A 161 -5.26 -7.87 -23.30
CA ILE A 161 -4.60 -6.56 -23.26
C ILE A 161 -4.38 -6.03 -21.82
N VAL A 162 -5.35 -6.29 -20.93
CA VAL A 162 -5.24 -5.83 -19.54
C VAL A 162 -4.04 -6.48 -18.84
N LEU A 163 -3.87 -7.80 -19.03
CA LEU A 163 -2.74 -8.50 -18.44
C LEU A 163 -1.41 -8.00 -19.01
N LYS A 164 -1.34 -7.89 -20.31
CA LYS A 164 -0.13 -7.41 -20.94
C LYS A 164 0.20 -5.97 -20.47
N TYR A 165 -0.82 -5.11 -20.36
CA TYR A 165 -0.61 -3.74 -19.94
C TYR A 165 -0.05 -3.66 -18.50
N LEU A 166 -0.62 -4.45 -17.60
CA LEU A 166 -0.13 -4.47 -16.21
C LEU A 166 1.31 -4.98 -16.18
N ASN A 167 1.59 -5.98 -16.98
CA ASN A 167 2.95 -6.49 -17.05
C ASN A 167 3.90 -5.41 -17.51
N ARG A 168 3.58 -4.74 -18.61
CA ARG A 168 4.43 -3.65 -19.09
C ARG A 168 4.53 -2.49 -18.12
N LEU A 169 3.46 -2.20 -17.37
CA LEU A 169 3.48 -1.09 -16.43
C LEU A 169 4.54 -1.23 -15.37
N SER A 170 4.79 -2.46 -14.91
CA SER A 170 5.83 -2.58 -13.90
C SER A 170 7.20 -2.22 -14.47
N ASP A 171 7.48 -2.55 -15.74
CA ASP A 171 8.71 -2.10 -16.44
C ASP A 171 8.70 -0.59 -16.60
N TYR A 172 7.55 -0.02 -16.97
CA TYR A 172 7.45 1.46 -17.12
C TYR A 172 7.79 2.20 -15.82
N PHE A 173 7.18 1.77 -14.73
CA PHE A 173 7.38 2.41 -13.43
C PHE A 173 8.85 2.26 -13.00
N PHE A 174 9.46 1.12 -13.27
CA PHE A 174 10.90 0.93 -12.92
C PHE A 174 11.72 1.96 -13.75
N ALA A 175 11.46 2.10 -15.06
CA ALA A 175 12.26 2.97 -15.90
C ALA A 175 12.05 4.43 -15.54
N VAL A 176 10.81 4.84 -15.29
CA VAL A 176 10.56 6.25 -14.89
C VAL A 176 11.14 6.56 -13.53
N ALA A 177 11.12 5.60 -12.62
CA ALA A 177 11.71 5.86 -11.30
C ALA A 177 13.18 6.22 -11.44
N ARG A 178 13.87 5.46 -12.29
CA ARG A 178 15.30 5.72 -12.50
C ARG A 178 15.49 7.06 -13.16
N VAL A 179 14.66 7.42 -14.15
CA VAL A 179 14.75 8.76 -14.77
C VAL A 179 14.50 9.88 -13.77
N VAL A 180 13.59 9.65 -12.84
CA VAL A 180 13.25 10.64 -11.84
C VAL A 180 14.47 10.89 -10.93
N ASN A 181 15.11 9.82 -10.47
CA ASN A 181 16.32 10.02 -9.70
C ASN A 181 17.38 10.71 -10.52
N SER A 182 17.53 10.32 -11.77
CA SER A 182 18.51 10.97 -12.66
C SER A 182 18.31 12.48 -12.79
N ARG A 183 17.07 12.87 -13.11
CA ARG A 183 16.75 14.28 -13.34
C ARG A 183 16.94 15.09 -12.07
N LEU A 184 16.69 14.45 -10.93
CA LEU A 184 16.88 15.10 -9.59
C LEU A 184 18.33 15.04 -9.09
N GLN A 185 19.21 14.41 -9.87
CA GLN A 185 20.60 14.24 -9.53
C GLN A 185 20.79 13.59 -8.15
N VAL A 186 20.05 12.52 -7.95
CA VAL A 186 20.18 11.70 -6.78
C VAL A 186 20.42 10.27 -7.23
N PRO A 187 21.14 9.50 -6.43
CA PRO A 187 21.51 8.14 -6.83
C PRO A 187 20.32 7.18 -6.71
N ASP A 188 20.33 6.14 -7.51
CA ASP A 188 19.50 4.98 -7.26
C ASP A 188 20.09 4.22 -6.08
N VAL A 189 19.29 3.33 -5.49
CA VAL A 189 19.77 2.58 -4.34
C VAL A 189 20.24 1.19 -4.84
N GLU A 190 21.51 0.90 -4.69
CA GLU A 190 22.08 -0.32 -5.24
C GLU A 190 22.04 -1.40 -4.19
N TYR A 191 21.80 -2.62 -4.65
CA TYR A 191 21.85 -3.80 -3.77
C TYR A 191 23.24 -4.02 -3.24
N GLU A 192 24.26 -3.89 -4.08
CA GLU A 192 25.63 -4.07 -3.57
C GLU A 192 26.51 -2.91 -3.94
N ARG B 31 10.03 -18.08 -19.91
CA ARG B 31 10.44 -19.51 -19.75
C ARG B 31 9.55 -20.27 -18.75
N LEU B 32 9.25 -19.66 -17.61
CA LEU B 32 8.37 -20.30 -16.61
C LEU B 32 6.94 -19.82 -16.79
N ALA B 33 5.99 -20.65 -16.37
CA ALA B 33 4.59 -20.24 -16.38
C ALA B 33 4.40 -18.95 -15.63
N LYS B 34 3.40 -18.22 -16.08
CA LYS B 34 3.04 -16.96 -15.47
C LYS B 34 2.71 -17.09 -13.98
N ASP B 35 2.15 -18.22 -13.60
CA ASP B 35 1.77 -18.43 -12.20
C ASP B 35 2.67 -19.48 -11.51
N ASP B 36 3.88 -19.68 -12.04
CA ASP B 36 4.81 -20.57 -11.41
C ASP B 36 5.05 -20.10 -9.98
N THR B 37 4.87 -21.04 -9.05
CA THR B 37 4.95 -20.72 -7.62
C THR B 37 6.29 -20.10 -7.23
N ARG B 38 7.33 -20.45 -7.95
CA ARG B 38 8.68 -19.93 -7.64
C ARG B 38 8.79 -18.49 -8.05
N VAL B 39 8.08 -18.13 -9.12
CA VAL B 39 8.08 -16.72 -9.54
C VAL B 39 7.31 -15.88 -8.54
N VAL B 40 6.15 -16.38 -8.15
CA VAL B 40 5.35 -15.63 -7.16
C VAL B 40 6.16 -15.51 -5.85
N ALA B 41 6.76 -16.62 -5.41
CA ALA B 41 7.52 -16.62 -4.17
C ALA B 41 8.66 -15.59 -4.24
N TYR B 42 9.32 -15.53 -5.38
CA TYR B 42 10.45 -14.60 -5.55
C TYR B 42 10.06 -13.13 -5.31
N GLY B 43 8.83 -12.80 -5.67
CA GLY B 43 8.35 -11.41 -5.54
C GLY B 43 7.68 -11.07 -4.22
N THR B 44 7.68 -12.00 -3.27
CA THR B 44 6.88 -11.85 -2.04
C THR B 44 7.17 -10.55 -1.29
N THR B 45 8.45 -10.21 -1.13
CA THR B 45 8.77 -9.12 -0.22
C THR B 45 8.93 -7.81 -1.00
N ASP B 46 8.73 -7.82 -2.32
CA ASP B 46 9.06 -6.66 -3.12
C ASP B 46 8.20 -5.45 -2.68
N GLU B 47 6.93 -5.69 -2.43
CA GLU B 47 6.04 -4.55 -2.11
C GLU B 47 6.47 -3.94 -0.80
N LEU B 48 6.74 -4.75 0.20
CA LEU B 48 7.24 -4.22 1.46
C LEU B 48 8.52 -3.44 1.23
N ASN B 49 9.42 -4.00 0.41
CA ASN B 49 10.71 -3.31 0.10
C ASN B 49 10.44 -1.90 -0.40
N SER B 50 9.45 -1.77 -1.29
CA SER B 50 9.14 -0.42 -1.86
C SER B 50 8.62 0.51 -0.78
N PHE B 51 7.79 0.04 0.14
CA PHE B 51 7.30 0.90 1.24
C PHE B 51 8.43 1.31 2.21
N VAL B 52 9.37 0.42 2.41
CA VAL B 52 10.61 0.80 3.14
C VAL B 52 11.31 1.92 2.39
N GLY B 53 11.43 1.78 1.07
CA GLY B 53 12.04 2.83 0.30
C GLY B 53 11.40 4.19 0.54
N SER B 54 10.05 4.24 0.51
CA SER B 54 9.33 5.49 0.78
C SER B 54 9.61 6.00 2.18
N ALA B 55 9.61 5.10 3.14
CA ALA B 55 9.84 5.49 4.56
C ALA B 55 11.20 6.15 4.75
N ILE B 56 12.21 5.63 4.09
CA ILE B 56 13.56 6.18 4.23
C ILE B 56 13.58 7.65 3.85
N THR B 57 12.84 7.98 2.80
CA THR B 57 12.84 9.33 2.27
C THR B 57 12.22 10.35 3.21
N GLN B 58 11.53 9.86 4.23
CA GLN B 58 10.88 10.74 5.23
C GLN B 58 11.81 11.15 6.35
N LEU B 59 12.99 10.53 6.39
CA LEU B 59 13.90 10.62 7.53
C LEU B 59 15.15 11.44 7.25
N ASP B 60 15.37 12.47 8.04
CA ASP B 60 16.58 13.32 7.88
C ASP B 60 17.81 12.56 8.34
N GLU B 61 18.90 12.57 7.53
CA GLU B 61 20.15 11.91 7.91
C GLU B 61 20.72 12.48 9.20
N ASN B 62 20.50 13.76 9.48
CA ASN B 62 21.13 14.32 10.68
C ASN B 62 20.48 13.88 11.98
N THR B 63 19.26 13.35 11.90
CA THR B 63 18.53 12.92 13.08
C THR B 63 18.41 11.38 13.13
N PHE B 64 18.43 10.78 11.95
CA PHE B 64 18.13 9.34 11.82
C PHE B 64 19.19 8.54 11.06
N ALA B 65 20.45 8.87 11.17
CA ALA B 65 21.47 8.14 10.42
C ALA B 65 21.43 6.66 10.80
N ASP B 66 21.21 6.37 12.08
CA ASP B 66 21.13 4.97 12.52
C ASP B 66 20.03 4.18 11.84
N ILE B 67 18.83 4.69 11.99
CA ILE B 67 17.64 4.04 11.48
C ILE B 67 17.69 4.00 9.93
N ARG B 68 18.07 5.07 9.26
CA ARG B 68 18.23 5.04 7.81
C ARG B 68 19.19 3.92 7.36
N GLY B 69 20.34 3.82 7.99
CA GLY B 69 21.30 2.75 7.66
C GLY B 69 20.70 1.37 7.84
N GLU B 70 19.93 1.20 8.88
CA GLU B 70 19.31 -0.09 9.15
C GLU B 70 18.22 -0.39 8.12
N LEU B 71 17.49 0.64 7.70
CA LEU B 71 16.44 0.45 6.71
C LEU B 71 17.05 0.04 5.38
N PHE B 72 18.15 0.66 4.97
CA PHE B 72 18.82 0.23 3.73
C PHE B 72 19.27 -1.23 3.88
N LYS B 73 19.77 -1.57 5.06
CA LYS B 73 20.20 -2.96 5.33
C LYS B 73 19.03 -3.90 5.19
N ILE B 74 17.92 -3.52 5.76
CA ILE B 74 16.70 -4.31 5.66
C ILE B 74 16.28 -4.48 4.18
N GLN B 75 16.42 -3.44 3.37
CA GLN B 75 16.06 -3.60 1.98
C GLN B 75 16.91 -4.67 1.28
N HIS B 76 18.20 -4.67 1.59
CA HIS B 76 19.14 -5.66 1.01
C HIS B 76 18.70 -7.06 1.49
N GLU B 77 18.37 -7.16 2.79
CA GLU B 77 17.93 -8.43 3.36
C GLU B 77 16.61 -8.94 2.76
N LEU B 78 15.67 -8.04 2.50
CA LEU B 78 14.37 -8.42 1.92
C LEU B 78 14.60 -8.97 0.50
N PHE B 79 15.52 -8.36 -0.23
CA PHE B 79 15.90 -8.84 -1.57
C PHE B 79 16.44 -10.26 -1.47
N ASP B 80 17.32 -10.50 -0.52
CA ASP B 80 17.85 -11.85 -0.24
C ASP B 80 16.74 -12.81 0.13
N CYS B 81 15.78 -12.39 0.96
CA CYS B 81 14.65 -13.27 1.35
C CYS B 81 13.91 -13.76 0.09
N GLY B 82 13.67 -12.88 -0.86
CA GLY B 82 13.01 -13.28 -2.12
C GLY B 82 13.73 -14.42 -2.83
N GLY B 83 15.05 -14.32 -2.97
CA GLY B 83 15.84 -15.38 -3.56
C GLY B 83 15.65 -16.73 -2.88
N ASP B 84 15.68 -16.71 -1.53
CA ASP B 84 15.52 -17.87 -0.74
C ASP B 84 14.14 -18.50 -0.93
N LEU B 85 13.11 -17.65 -0.94
CA LEU B 85 11.73 -18.11 -1.14
C LEU B 85 11.57 -18.83 -2.49
N ALA B 86 12.22 -18.28 -3.51
CA ALA B 86 12.21 -18.91 -4.84
C ALA B 86 12.86 -20.29 -4.89
N LEU B 88 12.04 -22.73 -2.94
CA LEU B 88 11.16 -23.65 -2.16
C LEU B 88 10.94 -25.03 -2.74
N LYS B 89 11.15 -25.19 -4.05
CA LYS B 89 11.01 -26.51 -4.68
C LYS B 89 12.34 -27.23 -4.91
N VAL B 90 13.44 -26.62 -4.48
CA VAL B 90 14.76 -27.20 -4.74
C VAL B 90 14.94 -28.47 -3.92
N LYS B 91 15.31 -29.57 -4.58
CA LYS B 91 15.48 -30.84 -3.88
C LYS B 91 16.89 -31.02 -3.30
N GLU B 92 17.88 -30.31 -3.85
CA GLU B 92 19.23 -30.29 -3.28
C GLU B 92 19.32 -29.41 -2.02
N ASP B 93 20.51 -29.39 -1.42
CA ASP B 93 20.86 -28.43 -0.37
C ASP B 93 20.71 -27.01 -0.93
N ARG B 94 20.19 -26.12 -0.10
CA ARG B 94 19.94 -24.74 -0.54
C ARG B 94 20.97 -23.77 -0.02
N PRO B 95 21.61 -23.03 -0.91
CA PRO B 95 22.51 -22.00 -0.46
C PRO B 95 21.73 -20.74 -0.09
N TYR B 96 20.98 -20.82 1.00
CA TYR B 96 20.24 -19.66 1.50
C TYR B 96 21.13 -18.47 1.80
N LYS B 97 20.63 -17.29 1.46
CA LYS B 97 21.30 -16.06 1.84
C LYS B 97 20.82 -15.47 3.16
N ALA B 98 19.57 -15.72 3.53
CA ALA B 98 19.04 -15.20 4.81
C ALA B 98 19.46 -16.06 5.98
N LYS B 99 20.18 -15.46 6.93
CA LYS B 99 20.80 -16.16 8.06
C LYS B 99 20.40 -15.61 9.41
N GLN B 100 20.48 -16.47 10.42
CA GLN B 100 20.04 -16.10 11.77
C GLN B 100 20.51 -14.72 12.25
N GLU B 101 21.75 -14.37 11.93
CA GLU B 101 22.32 -13.10 12.36
C GLU B 101 21.42 -11.91 12.08
N ILE B 102 20.73 -11.89 10.93
CA ILE B 102 19.88 -10.73 10.62
C ILE B 102 18.68 -10.61 11.51
N VAL B 103 18.17 -11.75 11.98
CA VAL B 103 17.08 -11.78 12.96
C VAL B 103 17.59 -11.26 14.33
N ASP B 104 18.73 -11.81 14.76
CA ASP B 104 19.38 -11.35 16.00
C ASP B 104 19.59 -9.84 15.96
N PHE B 105 20.00 -9.33 14.82
CA PHE B 105 20.20 -7.88 14.66
C PHE B 105 18.91 -7.10 14.92
N LEU B 106 17.81 -7.53 14.31
CA LEU B 106 16.56 -6.83 14.54
C LEU B 106 16.19 -6.84 16.00
N GLU B 107 16.37 -7.99 16.68
CA GLU B 107 15.97 -8.13 18.09
C GLU B 107 16.76 -7.17 18.95
N GLN B 108 18.04 -7.04 18.65
CA GLN B 108 18.86 -6.13 19.46
C GLN B 108 18.49 -4.67 19.25
N ARG B 109 18.23 -4.30 18.01
CA ARG B 109 17.84 -2.92 17.69
C ARG B 109 16.46 -2.62 18.27
N ILE B 110 15.54 -3.57 18.20
CA ILE B 110 14.25 -3.42 18.87
C ILE B 110 14.43 -3.10 20.33
N ASP B 111 15.28 -3.86 21.01
CA ASP B 111 15.52 -3.60 22.43
C ASP B 111 16.02 -2.18 22.69
N ALA B 112 16.98 -1.74 21.88
CA ALA B 112 17.56 -0.42 21.93
C ALA B 112 16.51 0.68 21.77
N TYR B 113 15.63 0.47 20.82
CA TYR B 113 14.59 1.45 20.50
C TYR B 113 13.49 1.46 21.53
N ILE B 114 13.17 0.30 22.08
CA ILE B 114 12.24 0.25 23.23
C ILE B 114 12.80 1.08 24.39
N LYS B 115 14.09 0.93 24.65
CA LYS B 115 14.74 1.67 25.68
C LYS B 115 14.69 3.17 25.44
N GLU B 116 14.88 3.59 24.19
CA GLU B 116 14.90 5.01 23.87
C GLU B 116 13.54 5.66 24.00
N ALA B 117 12.53 4.98 23.47
CA ALA B 117 11.21 5.56 23.38
C ALA B 117 10.62 5.60 24.77
N PRO B 118 9.65 6.51 24.99
CA PRO B 118 8.93 6.52 26.28
C PRO B 118 8.18 5.22 26.55
N GLU B 119 7.85 5.03 27.82
CA GLU B 119 7.22 3.80 28.23
C GLU B 119 5.89 3.72 27.53
N LEU B 120 5.60 2.55 27.01
CA LEU B 120 4.39 2.29 26.28
C LEU B 120 3.35 1.84 27.31
N GLU B 121 2.34 2.68 27.57
CA GLU B 121 1.30 2.32 28.53
C GLU B 121 -0.11 2.18 27.93
N ARG B 122 -0.38 2.82 26.80
CA ARG B 122 -1.66 2.69 26.11
C ARG B 122 -1.41 1.98 24.79
N PHE B 123 -2.47 1.47 24.16
CA PHE B 123 -2.35 1.01 22.78
C PHE B 123 -2.11 2.21 21.90
N ILE B 124 -1.30 1.99 20.87
CA ILE B 124 -0.83 3.03 19.95
C ILE B 124 -1.64 2.88 18.67
N LEU B 125 -2.15 4.00 18.15
CA LEU B 125 -2.74 4.05 16.78
C LEU B 125 -1.62 4.44 15.82
N PRO B 126 -1.61 3.89 14.61
CA PRO B 126 -0.49 4.16 13.73
C PRO B 126 -0.50 5.62 13.27
N GLY B 127 0.68 6.26 13.25
CA GLY B 127 0.80 7.63 12.75
C GLY B 127 1.54 8.55 13.69
N GLY B 128 1.23 9.83 13.60
CA GLY B 128 1.91 10.87 14.40
C GLY B 128 2.61 11.71 13.34
N SER B 129 3.93 11.63 13.27
CA SER B 129 4.66 12.31 12.20
C SER B 129 4.43 11.61 10.87
N GLU B 130 4.64 12.30 9.76
CA GLU B 130 4.54 11.59 8.45
C GLU B 130 5.56 10.44 8.40
N ALA B 131 6.78 10.66 8.92
CA ALA B 131 7.79 9.60 8.92
C ALA B 131 7.31 8.41 9.70
N ALA B 132 6.83 8.66 10.91
CA ALA B 132 6.35 7.51 11.75
C ALA B 132 5.18 6.80 11.10
N ALA B 133 4.31 7.56 10.45
CA ALA B 133 3.16 6.98 9.78
C ALA B 133 3.66 6.02 8.68
N SER B 134 4.72 6.42 7.95
CA SER B 134 5.22 5.61 6.84
C SER B 134 5.84 4.31 7.35
N LEU B 135 6.33 4.33 8.58
CA LEU B 135 6.94 3.15 9.17
C LEU B 135 5.87 2.24 9.74
N HIS B 136 4.77 2.81 10.23
CA HIS B 136 3.60 1.98 10.61
C HIS B 136 3.01 1.25 9.39
N VAL B 137 3.00 1.94 8.24
CA VAL B 137 2.61 1.27 6.97
C VAL B 137 3.55 0.07 6.70
N CYS B 138 4.87 0.28 6.86
CA CYS B 138 5.83 -0.87 6.72
C CYS B 138 5.43 -1.98 7.66
N ARG B 139 5.07 -1.61 8.88
CA ARG B 139 4.70 -2.66 9.89
C ARG B 139 3.58 -3.53 9.37
N THR B 140 2.49 -2.93 8.88
CA THR B 140 1.33 -3.71 8.48
C THR B 140 1.60 -4.49 7.19
N ILE B 141 2.36 -3.90 6.28
CA ILE B 141 2.77 -4.54 5.01
CA ILE B 141 2.67 -4.59 5.03
C ILE B 141 3.69 -5.73 5.29
N ALA B 142 4.55 -5.60 6.28
CA ALA B 142 5.42 -6.74 6.72
C ALA B 142 4.58 -7.86 7.23
N ARG B 143 3.53 -7.55 7.99
CA ARG B 143 2.66 -8.61 8.48
C ARG B 143 1.97 -9.31 7.32
N ARG B 144 1.57 -8.54 6.31
CA ARG B 144 0.99 -9.10 5.12
C ARG B 144 1.95 -10.03 4.41
N ALA B 145 3.20 -9.60 4.28
CA ALA B 145 4.21 -10.47 3.67
C ALA B 145 4.41 -11.75 4.49
N GLU B 146 4.45 -11.61 5.82
CA GLU B 146 4.55 -12.80 6.69
C GLU B 146 3.41 -13.78 6.42
N ARG B 147 2.16 -13.28 6.29
CA ARG B 147 1.05 -14.17 6.00
C ARG B 147 1.22 -14.88 4.65
N TYR B 148 1.72 -14.15 3.65
CA TYR B 148 2.01 -14.69 2.31
C TYR B 148 2.99 -15.88 2.44
N VAL B 149 4.01 -15.71 3.29
CA VAL B 149 5.08 -16.70 3.48
C VAL B 149 4.57 -17.94 4.17
N VAL B 150 3.72 -17.75 5.17
CA VAL B 150 3.02 -18.88 5.77
C VAL B 150 2.21 -19.64 4.72
N ARG B 151 1.46 -18.95 3.84
CA ARG B 151 0.75 -19.70 2.80
C ARG B 151 1.68 -20.43 1.82
N LEU B 152 2.88 -19.90 1.58
CA LEU B 152 3.84 -20.60 0.68
C LEU B 152 4.36 -21.89 1.24
N GLN B 153 4.28 -22.06 2.56
CA GLN B 153 4.67 -23.33 3.16
C GLN B 153 3.86 -24.51 2.68
N GLN B 154 2.69 -24.25 2.11
CA GLN B 154 1.85 -25.30 1.53
CA GLN B 154 1.87 -25.30 1.55
C GLN B 154 2.40 -25.77 0.19
N GLU B 155 3.26 -24.97 -0.42
CA GLU B 155 3.81 -25.24 -1.77
C GLU B 155 5.26 -25.72 -1.81
N GLY B 156 5.96 -25.64 -0.69
CA GLY B 156 7.36 -26.05 -0.64
C GLY B 156 7.98 -25.75 0.70
N GLU B 157 9.27 -25.96 0.80
CA GLU B 157 9.97 -25.76 2.06
C GLU B 157 10.56 -24.37 2.09
N ILE B 158 10.20 -23.62 3.11
CA ILE B 158 10.56 -22.20 3.23
C ILE B 158 11.69 -22.07 4.22
N ASN B 159 12.74 -21.33 3.85
CA ASN B 159 13.81 -21.05 4.79
C ASN B 159 13.19 -20.49 6.06
N PRO B 160 13.32 -21.21 7.18
CA PRO B 160 12.69 -20.72 8.42
C PRO B 160 13.16 -19.34 8.84
N ILE B 161 14.38 -18.96 8.47
CA ILE B 161 14.88 -17.63 8.82
C ILE B 161 14.01 -16.55 8.17
N VAL B 162 13.53 -16.79 6.96
CA VAL B 162 12.72 -15.78 6.30
C VAL B 162 11.43 -15.47 7.09
N LEU B 163 10.77 -16.52 7.55
CA LEU B 163 9.56 -16.33 8.32
C LEU B 163 9.88 -15.61 9.60
N LYS B 164 10.93 -16.04 10.31
CA LYS B 164 11.30 -15.39 11.60
C LYS B 164 11.65 -13.90 11.39
N TYR B 165 12.30 -13.63 10.27
CA TYR B 165 12.75 -12.30 9.93
C TYR B 165 11.55 -11.39 9.71
N LEU B 166 10.64 -11.84 8.86
CA LEU B 166 9.44 -11.07 8.59
C LEU B 166 8.59 -10.84 9.85
N ASN B 167 8.50 -11.87 10.69
CA ASN B 167 7.82 -11.77 11.98
C ASN B 167 8.41 -10.65 12.83
N ARG B 168 9.73 -10.64 12.95
CA ARG B 168 10.39 -9.64 13.81
C ARG B 168 10.36 -8.26 13.17
N LEU B 169 10.30 -8.20 11.83
CA LEU B 169 10.28 -6.90 11.17
C LEU B 169 9.10 -6.03 11.57
N SER B 170 7.93 -6.62 11.76
CA SER B 170 6.78 -5.81 12.17
C SER B 170 7.07 -5.19 13.53
N ASP B 171 7.74 -5.94 14.42
CA ASP B 171 8.10 -5.39 15.72
C ASP B 171 9.15 -4.26 15.61
N TYR B 172 10.09 -4.45 14.69
CA TYR B 172 11.14 -3.44 14.39
C TYR B 172 10.49 -2.16 13.90
N PHE B 173 9.57 -2.26 12.93
CA PHE B 173 8.92 -1.05 12.39
C PHE B 173 8.09 -0.30 13.44
N PHE B 174 7.46 -1.07 14.33
CA PHE B 174 6.67 -0.49 15.43
C PHE B 174 7.62 0.28 16.33
N ALA B 175 8.72 -0.37 16.68
CA ALA B 175 9.68 0.29 17.61
C ALA B 175 10.31 1.54 17.03
N VAL B 176 10.73 1.47 15.77
CA VAL B 176 11.33 2.66 15.14
C VAL B 176 10.34 3.76 14.91
N ALA B 177 9.09 3.39 14.61
CA ALA B 177 8.06 4.42 14.41
C ALA B 177 7.93 5.28 15.68
N ARG B 178 7.94 4.62 16.84
CA ARG B 178 7.85 5.33 18.12
C ARG B 178 9.10 6.18 18.37
N VAL B 179 10.28 5.68 18.02
CA VAL B 179 11.50 6.46 18.20
C VAL B 179 11.50 7.68 17.27
N VAL B 180 10.97 7.49 16.07
CA VAL B 180 10.88 8.57 15.10
C VAL B 180 9.99 9.70 15.66
N ASN B 181 8.81 9.36 16.19
CA ASN B 181 8.01 10.40 16.83
C ASN B 181 8.75 11.06 18.00
N SER B 182 9.41 10.25 18.81
CA SER B 182 10.15 10.77 19.99
CA SER B 182 10.09 10.81 19.99
C SER B 182 11.21 11.79 19.57
N ARG B 183 12.04 11.41 18.60
CA ARG B 183 13.11 12.33 18.15
C ARG B 183 12.58 13.61 17.51
N LEU B 184 11.41 13.52 16.89
CA LEU B 184 10.74 14.66 16.27
C LEU B 184 9.94 15.47 17.30
N GLN B 185 9.93 15.00 18.54
CA GLN B 185 9.22 15.65 19.66
C GLN B 185 7.74 15.79 19.36
N VAL B 186 7.18 14.71 18.81
CA VAL B 186 5.76 14.62 18.67
C VAL B 186 5.26 13.35 19.35
N PRO B 187 4.06 13.44 19.92
CA PRO B 187 3.46 12.33 20.64
C PRO B 187 3.08 11.18 19.69
N ASP B 188 3.15 9.96 20.20
CA ASP B 188 2.47 8.89 19.50
C ASP B 188 0.97 9.15 19.62
N VAL B 189 0.22 8.58 18.68
CA VAL B 189 -1.24 8.71 18.66
C VAL B 189 -1.76 7.53 19.48
N GLU B 190 -2.54 7.82 20.51
CA GLU B 190 -2.92 6.76 21.43
C GLU B 190 -4.39 6.44 21.35
N TYR B 191 -4.74 5.19 21.62
CA TYR B 191 -6.13 4.74 21.66
C TYR B 191 -6.71 5.30 22.94
N GLU B 192 -7.64 6.21 22.78
CA GLU B 192 -8.36 6.85 23.86
C GLU B 192 -9.63 7.45 23.26
N ASP C 35 -6.75 -22.62 7.53
CA ASP C 35 -7.26 -21.38 6.86
C ASP C 35 -6.91 -20.13 7.66
N ASP C 36 -6.71 -19.02 6.95
CA ASP C 36 -6.26 -17.80 7.59
C ASP C 36 -7.12 -16.55 7.30
N THR C 37 -8.34 -16.73 6.81
CA THR C 37 -9.16 -15.58 6.41
C THR C 37 -9.39 -14.61 7.56
N ARG C 38 -9.54 -15.13 8.79
CA ARG C 38 -9.78 -14.21 9.92
C ARG C 38 -8.56 -13.30 10.15
N VAL C 39 -7.39 -13.91 10.16
CA VAL C 39 -6.14 -13.19 10.44
C VAL C 39 -5.85 -12.18 9.34
N VAL C 40 -6.10 -12.58 8.11
CA VAL C 40 -5.95 -11.67 6.99
C VAL C 40 -6.93 -10.49 7.11
N ALA C 41 -8.19 -10.75 7.51
CA ALA C 41 -9.16 -9.69 7.70
C ALA C 41 -8.74 -8.66 8.70
N TYR C 42 -8.36 -9.10 9.91
CA TYR C 42 -7.97 -8.08 10.89
C TYR C 42 -6.60 -7.48 10.53
N GLY C 43 -5.77 -8.23 9.83
CA GLY C 43 -4.52 -7.65 9.34
C GLY C 43 -4.77 -6.50 8.39
N THR C 44 -5.76 -6.67 7.53
CA THR C 44 -6.08 -5.71 6.48
C THR C 44 -6.79 -4.47 7.03
N THR C 45 -7.62 -4.65 8.07
CA THR C 45 -8.13 -3.48 8.78
C THR C 45 -6.99 -2.67 9.47
N ASP C 46 -5.99 -3.37 9.97
CA ASP C 46 -4.82 -2.73 10.59
C ASP C 46 -4.07 -1.98 9.48
N GLU C 47 -3.89 -2.62 8.32
CA GLU C 47 -3.23 -1.95 7.21
C GLU C 47 -3.96 -0.65 6.82
N LEU C 48 -5.27 -0.75 6.63
CA LEU C 48 -6.08 0.43 6.40
C LEU C 48 -5.82 1.50 7.45
N ASN C 49 -5.84 1.09 8.72
CA ASN C 49 -5.61 2.04 9.80
C ASN C 49 -4.27 2.79 9.61
N SER C 50 -3.25 2.09 9.18
CA SER C 50 -1.91 2.69 8.96
C SER C 50 -1.98 3.70 7.82
N PHE C 51 -2.72 3.40 6.75
CA PHE C 51 -2.86 4.38 5.66
C PHE C 51 -3.67 5.60 6.06
N VAL C 52 -4.64 5.40 6.94
CA VAL C 52 -5.37 6.52 7.53
C VAL C 52 -4.37 7.42 8.30
N GLY C 53 -3.48 6.80 9.07
CA GLY C 53 -2.46 7.55 9.76
C GLY C 53 -1.66 8.43 8.83
N SER C 54 -1.22 7.87 7.72
CA SER C 54 -0.46 8.63 6.72
C SER C 54 -1.31 9.77 6.20
N ALA C 55 -2.56 9.50 5.87
CA ALA C 55 -3.45 10.55 5.29
C ALA C 55 -3.60 11.76 6.20
N ILE C 56 -3.74 11.49 7.52
CA ILE C 56 -3.91 12.56 8.48
C ILE C 56 -2.76 13.53 8.37
N THR C 57 -1.55 12.99 8.19
CA THR C 57 -0.38 13.82 8.23
C THR C 57 -0.30 14.76 7.00
N GLN C 58 -1.13 14.50 5.99
CA GLN C 58 -1.20 15.32 4.78
C GLN C 58 -2.12 16.55 4.95
N LEU C 59 -2.84 16.62 6.06
CA LEU C 59 -3.94 17.55 6.20
C LEU C 59 -3.55 18.65 7.18
N ASP C 60 -3.59 19.90 6.70
CA ASP C 60 -3.39 21.04 7.52
C ASP C 60 -4.38 21.10 8.68
N GLU C 61 -3.87 21.30 9.87
CA GLU C 61 -4.64 21.29 11.11
C GLU C 61 -5.78 22.29 11.13
N ASN C 62 -5.58 23.45 10.52
CA ASN C 62 -6.61 24.49 10.53
C ASN C 62 -7.66 24.26 9.44
N THR C 63 -7.24 23.96 8.21
CA THR C 63 -8.20 23.82 7.11
C THR C 63 -9.10 22.61 7.26
N PHE C 64 -8.57 21.58 7.92
CA PHE C 64 -9.24 20.27 8.02
C PHE C 64 -9.33 19.80 9.46
N ALA C 65 -9.56 20.70 10.39
CA ALA C 65 -9.74 20.26 11.79
C ALA C 65 -10.93 19.31 11.91
N ASP C 66 -12.01 19.54 11.16
CA ASP C 66 -13.15 18.62 11.21
C ASP C 66 -12.74 17.23 10.72
N ILE C 67 -12.16 17.19 9.54
CA ILE C 67 -11.85 15.92 8.93
C ILE C 67 -10.74 15.19 9.68
N ARG C 68 -9.74 15.90 10.15
CA ARG C 68 -8.69 15.27 10.95
C ARG C 68 -9.27 14.62 12.18
N GLY C 69 -10.17 15.32 12.88
CA GLY C 69 -10.83 14.74 14.06
C GLY C 69 -11.56 13.45 13.72
N GLU C 70 -12.28 13.48 12.59
CA GLU C 70 -13.00 12.28 12.13
C GLU C 70 -12.06 11.14 11.82
N LEU C 71 -10.95 11.46 11.18
CA LEU C 71 -10.00 10.41 10.82
C LEU C 71 -9.41 9.78 12.10
N PHE C 72 -9.07 10.58 13.12
CA PHE C 72 -8.59 9.98 14.37
C PHE C 72 -9.69 9.08 14.99
N LYS C 73 -10.95 9.52 14.93
CA LYS C 73 -12.10 8.72 15.39
C LYS C 73 -12.18 7.42 14.64
N ILE C 74 -12.06 7.52 13.33
CA ILE C 74 -12.05 6.31 12.47
C ILE C 74 -10.93 5.35 12.89
N GLN C 75 -9.74 5.85 13.24
CA GLN C 75 -8.65 4.97 13.63
C GLN C 75 -9.00 4.21 14.88
N HIS C 76 -9.63 4.89 15.82
CA HIS C 76 -10.10 4.26 17.06
C HIS C 76 -11.10 3.15 16.74
N GLU C 77 -11.99 3.44 15.81
CA GLU C 77 -13.02 2.52 15.39
C GLU C 77 -12.46 1.31 14.62
N LEU C 78 -11.45 1.54 13.78
CA LEU C 78 -10.80 0.45 13.08
C LEU C 78 -10.06 -0.45 14.06
N PHE C 79 -9.47 0.13 15.11
CA PHE C 79 -8.85 -0.68 16.17
C PHE C 79 -9.88 -1.60 16.80
N ASP C 80 -11.06 -1.06 17.11
CA ASP C 80 -12.18 -1.86 17.65
C ASP C 80 -12.67 -2.93 16.66
N CYS C 81 -12.79 -2.57 15.38
CA CYS C 81 -13.16 -3.55 14.35
C CYS C 81 -12.18 -4.73 14.31
N GLY C 82 -10.88 -4.44 14.40
CA GLY C 82 -9.86 -5.51 14.39
C GLY C 82 -10.04 -6.48 15.55
N GLY C 83 -10.26 -5.95 16.75
CA GLY C 83 -10.53 -6.75 17.90
C GLY C 83 -11.76 -7.61 17.75
N ASP C 84 -12.81 -7.02 17.18
CA ASP C 84 -14.04 -7.76 16.91
C ASP C 84 -13.82 -8.91 15.93
N LEU C 85 -13.07 -8.64 14.89
CA LEU C 85 -12.72 -9.68 13.90
C LEU C 85 -11.90 -10.82 14.48
N ALA C 86 -11.04 -10.51 15.44
CA ALA C 86 -10.18 -11.51 16.07
C ALA C 86 -10.92 -12.47 16.99
N LEU C 88 -13.37 -15.26 17.82
CA LEU C 88 -13.87 -16.41 17.08
C LEU C 88 -15.38 -16.51 17.32
N LYS C 89 -15.75 -16.47 18.60
CA LYS C 89 -17.14 -16.40 19.02
C LYS C 89 -17.29 -15.25 20.01
N VAL C 90 -18.30 -14.40 19.81
CA VAL C 90 -18.63 -13.37 20.80
C VAL C 90 -19.22 -14.06 22.04
N LYS C 91 -18.89 -13.55 23.22
CA LYS C 91 -19.25 -14.19 24.49
C LYS C 91 -19.92 -13.21 25.44
N GLU C 92 -20.67 -13.77 26.39
CA GLU C 92 -21.34 -13.00 27.45
C GLU C 92 -20.49 -11.83 27.95
N ASP C 93 -19.32 -12.15 28.52
CA ASP C 93 -18.48 -11.16 29.19
C ASP C 93 -17.72 -10.26 28.21
N ARG C 94 -17.94 -10.43 26.91
CA ARG C 94 -17.08 -9.83 25.90
C ARG C 94 -17.87 -9.50 24.65
N PRO C 95 -18.72 -8.45 24.71
CA PRO C 95 -19.46 -8.02 23.53
C PRO C 95 -18.58 -7.40 22.46
N TYR C 96 -19.11 -7.31 21.25
CA TYR C 96 -18.41 -6.61 20.19
C TYR C 96 -18.31 -5.13 20.58
N LYS C 97 -17.22 -4.49 20.19
CA LYS C 97 -16.96 -3.07 20.45
CA LYS C 97 -17.02 -3.07 20.46
C LYS C 97 -17.53 -2.15 19.37
N ALA C 98 -17.51 -2.64 18.13
CA ALA C 98 -17.95 -1.87 16.98
C ALA C 98 -19.48 -1.91 16.93
N LYS C 99 -20.11 -0.74 17.09
CA LYS C 99 -21.59 -0.64 17.20
C LYS C 99 -22.17 0.26 16.12
N GLN C 100 -23.48 0.09 15.93
CA GLN C 100 -24.17 0.71 14.80
C GLN C 100 -23.90 2.20 14.66
N GLU C 101 -23.81 2.91 15.78
CA GLU C 101 -23.58 4.34 15.76
C GLU C 101 -22.42 4.81 14.87
N ILE C 102 -21.37 4.00 14.75
CA ILE C 102 -20.19 4.40 13.98
C ILE C 102 -20.49 4.41 12.48
N VAL C 103 -21.42 3.54 12.08
CA VAL C 103 -21.88 3.53 10.69
C VAL C 103 -22.78 4.74 10.42
N ASP C 104 -23.69 5.00 11.36
CA ASP C 104 -24.61 6.14 11.29
C ASP C 104 -23.84 7.44 11.15
N PHE C 105 -22.77 7.62 11.94
CA PHE C 105 -21.91 8.81 11.82
C PHE C 105 -21.28 8.99 10.43
N LEU C 106 -20.74 7.92 9.87
CA LEU C 106 -20.15 8.03 8.56
C LEU C 106 -21.16 8.50 7.56
N GLU C 107 -22.37 7.92 7.62
CA GLU C 107 -23.44 8.28 6.69
C GLU C 107 -23.78 9.77 6.81
N GLN C 108 -23.88 10.29 8.03
CA GLN C 108 -24.13 11.71 8.23
C GLN C 108 -23.05 12.60 7.58
N ARG C 109 -21.80 12.23 7.78
CA ARG C 109 -20.67 12.98 7.21
C ARG C 109 -20.60 12.87 5.69
N ILE C 110 -20.87 11.68 5.17
CA ILE C 110 -20.95 11.51 3.69
C ILE C 110 -21.95 12.50 3.06
N ASP C 111 -23.16 12.57 3.61
CA ASP C 111 -24.19 13.47 3.11
C ASP C 111 -23.70 14.92 3.15
N ALA C 112 -23.10 15.29 4.28
CA ALA C 112 -22.51 16.62 4.46
C ALA C 112 -21.46 16.95 3.40
N TYR C 113 -20.56 16.01 3.16
CA TYR C 113 -19.44 16.26 2.23
C TYR C 113 -19.90 16.22 0.79
N ILE C 114 -20.88 15.40 0.47
CA ILE C 114 -21.49 15.48 -0.88
C ILE C 114 -22.12 16.85 -1.13
N LYS C 115 -22.79 17.39 -0.11
CA LYS C 115 -23.38 18.70 -0.20
C LYS C 115 -22.31 19.77 -0.40
N GLU C 116 -21.20 19.66 0.34
CA GLU C 116 -20.11 20.66 0.32
C GLU C 116 -19.39 20.71 -1.02
N ALA C 117 -19.09 19.55 -1.58
CA ALA C 117 -18.33 19.48 -2.83
C ALA C 117 -19.18 19.86 -4.02
N PRO C 118 -18.54 20.26 -5.13
CA PRO C 118 -19.30 20.57 -6.35
C PRO C 118 -20.03 19.33 -6.85
N GLU C 119 -21.14 19.50 -7.56
CA GLU C 119 -21.85 18.32 -8.06
C GLU C 119 -20.91 17.51 -8.96
N LEU C 120 -20.95 16.19 -8.85
CA LEU C 120 -20.09 15.33 -9.67
C LEU C 120 -20.65 15.28 -11.08
N GLU C 121 -19.84 15.69 -12.08
CA GLU C 121 -20.27 15.74 -13.49
C GLU C 121 -19.64 14.61 -14.33
N ARG C 122 -18.44 14.17 -13.95
CA ARG C 122 -17.70 13.15 -14.68
C ARG C 122 -17.12 12.14 -13.72
N PHE C 123 -16.72 10.97 -14.23
CA PHE C 123 -16.06 10.02 -13.35
C PHE C 123 -14.75 10.62 -12.82
N ILE C 124 -14.43 10.27 -11.59
CA ILE C 124 -13.26 10.82 -10.88
C ILE C 124 -12.11 9.79 -10.94
N LEU C 125 -10.92 10.28 -11.26
CA LEU C 125 -9.69 9.47 -11.14
C LEU C 125 -9.02 9.86 -9.83
N PRO C 126 -8.42 8.88 -9.15
CA PRO C 126 -7.95 9.22 -7.84
C PRO C 126 -6.76 10.18 -7.82
N GLY C 127 -6.78 11.13 -6.90
CA GLY C 127 -5.67 12.03 -6.71
C GLY C 127 -6.07 13.50 -6.70
N GLY C 128 -5.13 14.39 -7.10
CA GLY C 128 -5.30 15.82 -7.16
C GLY C 128 -4.25 16.37 -6.22
N SER C 129 -4.68 16.82 -5.06
CA SER C 129 -3.74 17.20 -4.01
C SER C 129 -3.10 15.92 -3.40
N GLU C 130 -1.90 16.06 -2.81
CA GLU C 130 -1.29 14.92 -2.14
C GLU C 130 -2.24 14.37 -1.09
N ALA C 131 -2.94 15.28 -0.39
CA ALA C 131 -3.85 14.84 0.68
C ALA C 131 -5.02 14.04 0.13
N ALA C 132 -5.67 14.60 -0.90
CA ALA C 132 -6.76 13.85 -1.56
C ALA C 132 -6.27 12.46 -2.04
N ALA C 133 -5.07 12.45 -2.62
CA ALA C 133 -4.53 11.19 -3.18
C ALA C 133 -4.40 10.16 -2.06
N SER C 134 -3.89 10.61 -0.90
CA SER C 134 -3.72 9.72 0.24
C SER C 134 -5.07 9.17 0.75
N LEU C 135 -6.12 9.99 0.61
CA LEU C 135 -7.50 9.56 0.99
C LEU C 135 -8.09 8.58 0.00
N HIS C 136 -7.77 8.73 -1.30
CA HIS C 136 -8.17 7.73 -2.29
C HIS C 136 -7.45 6.41 -2.07
N VAL C 137 -6.21 6.45 -1.63
CA VAL C 137 -5.55 5.19 -1.27
C VAL C 137 -6.35 4.54 -0.13
N CYS C 138 -6.74 5.32 0.88
CA CYS C 138 -7.55 4.79 1.96
C CYS C 138 -8.86 4.18 1.43
N ARG C 139 -9.49 4.87 0.48
CA ARG C 139 -10.69 4.34 -0.17
C ARG C 139 -10.48 2.94 -0.74
N THR C 140 -9.40 2.74 -1.53
CA THR C 140 -9.21 1.45 -2.16
C THR C 140 -8.82 0.39 -1.16
N ILE C 141 -8.08 0.76 -0.12
CA ILE C 141 -7.65 -0.22 0.90
C ILE C 141 -8.84 -0.61 1.80
N ALA C 142 -9.77 0.31 2.01
CA ALA C 142 -11.02 -0.02 2.68
C ALA C 142 -11.78 -1.08 1.93
N ARG C 143 -11.86 -0.93 0.60
CA ARG C 143 -12.52 -1.93 -0.22
C ARG C 143 -11.81 -3.30 -0.13
N ARG C 144 -10.48 -3.29 -0.08
CA ARG C 144 -9.72 -4.52 0.08
C ARG C 144 -10.07 -5.18 1.42
N ALA C 145 -10.10 -4.38 2.48
CA ALA C 145 -10.46 -4.92 3.82
C ALA C 145 -11.87 -5.47 3.77
N GLU C 146 -12.77 -4.73 3.17
CA GLU C 146 -14.17 -5.21 2.99
C GLU C 146 -14.27 -6.60 2.33
N ARG C 147 -13.51 -6.82 1.25
CA ARG C 147 -13.61 -8.04 0.49
C ARG C 147 -13.23 -9.19 1.45
N TYR C 148 -12.19 -8.97 2.24
CA TYR C 148 -11.80 -10.04 3.17
C TYR C 148 -12.85 -10.31 4.26
N VAL C 149 -13.48 -9.27 4.77
CA VAL C 149 -14.58 -9.47 5.75
C VAL C 149 -15.77 -10.20 5.13
N VAL C 150 -16.09 -9.89 3.88
CA VAL C 150 -17.15 -10.62 3.16
C VAL C 150 -16.79 -12.10 3.10
N ARG C 151 -15.53 -12.37 2.77
CA ARG C 151 -15.07 -13.79 2.70
C ARG C 151 -15.16 -14.47 4.07
N LEU C 152 -14.76 -13.75 5.13
CA LEU C 152 -14.86 -14.30 6.49
C LEU C 152 -16.30 -14.63 6.90
N GLN C 153 -17.21 -13.71 6.61
CA GLN C 153 -18.63 -13.87 6.87
C GLN C 153 -19.17 -15.16 6.26
N GLN C 154 -18.64 -15.53 5.10
CA GLN C 154 -19.07 -16.74 4.42
C GLN C 154 -18.55 -17.96 5.13
N GLU C 155 -17.49 -17.80 5.91
CA GLU C 155 -16.90 -18.93 6.64
C GLU C 155 -17.39 -19.09 8.06
N GLY C 156 -17.83 -18.00 8.67
CA GLY C 156 -18.17 -18.03 10.08
C GLY C 156 -18.70 -16.70 10.58
N GLU C 157 -18.85 -16.60 11.90
CA GLU C 157 -19.56 -15.50 12.53
C GLU C 157 -18.71 -14.28 12.49
N ILE C 158 -19.32 -13.16 12.14
CA ILE C 158 -18.65 -11.88 12.26
C ILE C 158 -19.62 -10.94 12.94
N ASN C 159 -19.07 -9.83 13.42
CA ASN C 159 -19.87 -8.66 13.79
C ASN C 159 -20.30 -8.00 12.49
N PRO C 160 -21.59 -8.03 12.19
CA PRO C 160 -22.00 -7.43 10.93
C PRO C 160 -21.76 -5.94 10.85
N ILE C 161 -21.68 -5.28 11.99
CA ILE C 161 -21.32 -3.87 11.99
C ILE C 161 -19.97 -3.64 11.32
N VAL C 162 -19.00 -4.57 11.47
CA VAL C 162 -17.67 -4.32 10.92
C VAL C 162 -17.76 -4.25 9.38
N LEU C 163 -18.51 -5.19 8.83
CA LEU C 163 -18.72 -5.22 7.37
C LEU C 163 -19.38 -3.92 6.87
N LYS C 164 -20.48 -3.53 7.49
CA LYS C 164 -21.18 -2.30 7.12
C LYS C 164 -20.28 -1.09 7.22
N TYR C 165 -19.47 -1.04 8.28
CA TYR C 165 -18.54 0.09 8.51
C TYR C 165 -17.51 0.20 7.39
N LEU C 166 -16.86 -0.93 7.05
CA LEU C 166 -15.88 -0.92 5.97
C LEU C 166 -16.51 -0.54 4.66
N ASN C 167 -17.71 -1.05 4.41
CA ASN C 167 -18.46 -0.72 3.18
C ASN C 167 -18.63 0.80 3.10
N ARG C 168 -19.12 1.42 4.18
N ARG C 168 -19.12 1.42 4.18
CA ARG C 168 -19.37 2.87 4.15
CA ARG C 168 -19.37 2.87 4.15
C ARG C 168 -18.07 3.66 4.13
C ARG C 168 -18.07 3.66 4.13
N LEU C 169 -16.99 3.10 4.69
CA LEU C 169 -15.73 3.86 4.74
C LEU C 169 -15.24 4.25 3.35
N SER C 170 -15.34 3.35 2.39
CA SER C 170 -14.88 3.71 1.02
C SER C 170 -15.68 4.90 0.48
N ASP C 171 -16.99 4.93 0.71
CA ASP C 171 -17.82 6.08 0.37
C ASP C 171 -17.38 7.35 1.12
N TYR C 172 -17.07 7.18 2.38
CA TYR C 172 -16.57 8.31 3.18
C TYR C 172 -15.26 8.84 2.62
N PHE C 173 -14.30 7.95 2.38
CA PHE C 173 -13.00 8.41 1.85
C PHE C 173 -13.14 9.10 0.49
N PHE C 174 -14.00 8.58 -0.36
CA PHE C 174 -14.30 9.23 -1.68
C PHE C 174 -14.81 10.66 -1.46
N ALA C 175 -15.82 10.75 -0.61
CA ALA C 175 -16.45 12.05 -0.35
C ALA C 175 -15.48 13.05 0.25
N VAL C 176 -14.70 12.65 1.25
CA VAL C 176 -13.79 13.64 1.87
CA VAL C 176 -13.77 13.58 1.91
C VAL C 176 -12.63 13.98 0.97
N ALA C 177 -12.21 13.05 0.13
CA ALA C 177 -11.12 13.35 -0.79
C ALA C 177 -11.53 14.53 -1.69
N ARG C 178 -12.76 14.48 -2.15
CA ARG C 178 -13.27 15.55 -3.02
C ARG C 178 -13.37 16.88 -2.26
N VAL C 179 -13.77 16.82 -1.00
CA VAL C 179 -13.84 18.03 -0.18
C VAL C 179 -12.42 18.60 0.07
N VAL C 180 -11.48 17.68 0.27
CA VAL C 180 -10.09 18.10 0.44
C VAL C 180 -9.57 18.84 -0.78
N ASN C 181 -9.79 18.31 -1.99
CA ASN C 181 -9.40 19.07 -3.19
C ASN C 181 -10.10 20.44 -3.27
N SER C 182 -11.40 20.41 -3.00
CA SER C 182 -12.22 21.61 -3.00
C SER C 182 -11.69 22.70 -2.07
N ARG C 183 -11.40 22.35 -0.82
CA ARG C 183 -10.90 23.34 0.16
C ARG C 183 -9.52 23.84 -0.17
N LEU C 184 -8.73 22.98 -0.81
CA LEU C 184 -7.40 23.36 -1.27
C LEU C 184 -7.46 24.10 -2.62
N GLN C 185 -8.66 24.36 -3.13
CA GLN C 185 -8.82 24.99 -4.43
C GLN C 185 -8.13 24.30 -5.58
N VAL C 186 -8.14 22.98 -5.61
CA VAL C 186 -7.62 22.25 -6.75
C VAL C 186 -8.66 21.31 -7.29
N PRO C 187 -8.67 21.15 -8.63
CA PRO C 187 -9.71 20.36 -9.27
C PRO C 187 -9.55 18.90 -8.87
N ASP C 188 -10.65 18.17 -8.84
CA ASP C 188 -10.54 16.73 -8.83
C ASP C 188 -10.00 16.37 -10.19
N VAL C 189 -9.38 15.22 -10.26
CA VAL C 189 -8.91 14.70 -11.52
C VAL C 189 -10.06 13.89 -12.10
N GLU C 190 -10.43 14.22 -13.32
CA GLU C 190 -11.62 13.62 -13.99
C GLU C 190 -11.18 12.76 -15.17
N TYR C 191 -11.99 11.76 -15.47
CA TYR C 191 -11.82 11.02 -16.68
C TYR C 191 -12.42 11.89 -17.76
N GLU C 192 -11.56 12.35 -18.68
CA GLU C 192 -11.87 13.39 -19.64
C GLU C 192 -13.04 13.03 -20.56
N ARG C 193 -13.92 14.01 -20.76
CA ARG C 193 -15.10 13.87 -21.60
C ARG C 193 -16.10 12.78 -21.15
N SER C 194 -15.85 12.10 -20.03
CA SER C 194 -16.79 11.11 -19.49
C SER C 194 -18.04 11.82 -18.98
N ALA C 195 -19.06 11.06 -18.62
CA ALA C 195 -20.23 11.62 -17.94
C ALA C 195 -20.83 10.57 -17.03
N ILE C 196 -21.25 10.99 -15.85
CA ILE C 196 -21.71 10.06 -14.82
C ILE C 196 -22.83 9.13 -15.31
#